data_4GQT
#
_entry.id   4GQT
#
_cell.length_a   39.652
_cell.length_b   86.658
_cell.length_c   128.670
_cell.angle_alpha   90.000
_cell.angle_beta   90.000
_cell.angle_gamma   90.000
#
_symmetry.space_group_name_H-M   'P 21 21 21'
#
loop_
_entity.id
_entity.type
_entity.pdbx_description
1 polymer 'Heat shock protein 90'
2 non-polymer "ADENOSINE-5'-DIPHOSPHATE"
3 non-polymer 'ZINC ION'
4 water water
#
_entity_poly.entity_id   1
_entity_poly.type   'polypeptide(L)'
_entity_poly.pdbx_seq_one_letter_code
;SNAMSENAETFAFQAEIAQLMSLIINTFYSNKEIYLRELISNASDALDKIRYQALTEPSELDTGKELFIKITPNKEEKTL
TIMDTGIGMTKADLVNNLGTIAKSGTKAFMEALQAGADISMIGQFGVGFYSAFLVADKVVVTSKNNDDDSYQWESSAGGS
FVVRPFNDPEVTRGTKIVMHIKEDQIDFLEERKIKEIVKKHSQFIGYPIKLVVEKEREKEVEDEEAV
;
_entity_poly.pdbx_strand_id   A,B
#
# COMPACT_ATOMS: atom_id res chain seq x y z
N GLU A 6 14.95 12.95 -2.82
CA GLU A 6 15.31 13.40 -1.46
C GLU A 6 14.50 12.63 -0.46
N ASN A 7 14.66 12.99 0.82
CA ASN A 7 14.05 12.23 1.87
C ASN A 7 12.67 12.74 2.27
N ALA A 8 11.99 11.87 3.04
CA ALA A 8 10.85 12.18 3.85
C ALA A 8 11.17 13.40 4.69
N GLU A 9 10.31 14.41 4.73
CA GLU A 9 10.50 15.54 5.67
C GLU A 9 9.35 15.57 6.66
N THR A 10 9.62 15.84 7.93
CA THR A 10 8.55 15.83 8.91
C THR A 10 8.16 17.21 9.37
N PHE A 11 6.88 17.53 9.21
CA PHE A 11 6.35 18.83 9.61
C PHE A 11 5.45 18.79 10.82
N ALA A 12 5.51 19.85 11.60
CA ALA A 12 4.55 19.99 12.69
C ALA A 12 3.29 20.68 12.14
N PHE A 13 2.15 20.25 12.64
CA PHE A 13 0.92 20.96 12.47
C PHE A 13 0.96 22.23 13.29
N GLN A 14 0.47 23.31 12.71
CA GLN A 14 0.24 24.58 13.44
C GLN A 14 -0.61 24.18 14.62
N ALA A 15 -0.41 24.84 15.76
CA ALA A 15 -0.89 24.38 17.10
C ALA A 15 -2.40 24.17 17.19
N GLU A 16 -3.18 25.12 16.65
CA GLU A 16 -4.63 25.02 16.74
C GLU A 16 -5.18 23.93 15.83
N ILE A 17 -4.55 23.76 14.68
CA ILE A 17 -4.86 22.60 13.82
C ILE A 17 -4.66 21.30 14.58
N ALA A 18 -3.62 21.19 15.41
CA ALA A 18 -3.34 19.94 16.15
C ALA A 18 -4.40 19.69 17.22
N GLN A 19 -4.86 20.78 17.83
CA GLN A 19 -5.86 20.72 18.88
C GLN A 19 -7.21 20.27 18.29
N LEU A 20 -7.56 20.89 17.15
CA LEU A 20 -8.77 20.55 16.43
C LEU A 20 -8.74 19.07 16.02
N MET A 21 -7.62 18.63 15.46
CA MET A 21 -7.45 17.21 15.12
C MET A 21 -7.72 16.27 16.31
N SER A 22 -7.05 16.50 17.43
CA SER A 22 -7.24 15.71 18.62
C SER A 22 -8.71 15.71 19.06
N LEU A 23 -9.34 16.88 19.08
CA LEU A 23 -10.74 17.01 19.43
C LEU A 23 -11.65 16.23 18.46
N ILE A 24 -11.24 16.15 17.19
CA ILE A 24 -11.99 15.47 16.14
C ILE A 24 -11.87 13.96 16.32
N ILE A 25 -10.66 13.52 16.63
CA ILE A 25 -10.42 12.12 16.81
C ILE A 25 -10.99 11.63 18.14
N ASN A 26 -11.05 12.47 19.15
CA ASN A 26 -11.33 11.96 20.49
C ASN A 26 -12.71 12.21 21.06
N THR A 27 -13.60 12.82 20.28
CA THR A 27 -14.94 13.13 20.73
C THR A 27 -15.95 12.34 19.91
N PHE A 28 -16.88 11.66 20.56
CA PHE A 28 -18.00 11.01 19.92
C PHE A 28 -18.84 12.00 19.10
N TYR A 29 -19.10 11.69 17.84
CA TYR A 29 -20.09 12.42 17.05
C TYR A 29 -20.91 11.35 16.40
N SER A 30 -22.21 11.59 16.30
CA SER A 30 -23.13 10.66 15.67
C SER A 30 -23.22 10.89 14.16
N ASN A 31 -22.82 12.07 13.69
CA ASN A 31 -23.07 12.50 12.31
C ASN A 31 -21.83 12.43 11.41
N LYS A 32 -21.04 11.37 11.53
CA LYS A 32 -19.72 11.30 10.88
C LYS A 32 -19.68 11.32 9.32
N GLU A 33 -20.81 11.08 8.67
CA GLU A 33 -20.87 10.90 7.22
C GLU A 33 -20.45 12.15 6.43
N ILE A 34 -20.33 13.27 7.14
CA ILE A 34 -20.02 14.53 6.49
C ILE A 34 -18.58 14.54 5.97
N TYR A 35 -17.70 13.63 6.43
CA TYR A 35 -16.34 13.56 5.88
C TYR A 35 -16.45 13.35 4.37
N LEU A 36 -17.42 12.59 3.91
CA LEU A 36 -17.41 12.27 2.48
C LEU A 36 -17.79 13.50 1.64
N ARG A 37 -18.79 14.25 2.18
CA ARG A 37 -19.26 15.52 1.61
CA ARG A 37 -19.26 15.51 1.60
C ARG A 37 -18.07 16.51 1.50
N GLU A 38 -17.28 16.61 2.57
CA GLU A 38 -16.16 17.53 2.58
C GLU A 38 -15.10 17.14 1.53
N LEU A 39 -14.76 15.87 1.46
CA LEU A 39 -13.67 15.48 0.57
C LEU A 39 -14.16 15.54 -0.87
N ILE A 40 -15.43 15.20 -1.12
CA ILE A 40 -15.94 15.33 -2.47
C ILE A 40 -16.00 16.84 -2.82
N SER A 41 -16.46 17.64 -1.89
CA SER A 41 -16.49 19.07 -2.16
C SER A 41 -15.03 19.61 -2.46
N ASN A 42 -13.99 19.14 -1.74
CA ASN A 42 -12.61 19.55 -2.09
C ASN A 42 -12.15 19.11 -3.50
N ALA A 43 -12.53 17.89 -3.88
CA ALA A 43 -12.23 17.34 -5.22
C ALA A 43 -12.93 18.22 -6.27
N SER A 44 -14.20 18.60 -6.00
CA SER A 44 -14.97 19.39 -6.98
C SER A 44 -14.26 20.73 -7.19
N ASP A 45 -13.87 21.41 -6.11
CA ASP A 45 -13.11 22.66 -6.29
C ASP A 45 -11.81 22.50 -7.09
N ALA A 46 -11.05 21.43 -6.83
CA ALA A 46 -9.85 21.15 -7.59
C ALA A 46 -10.20 20.91 -9.05
N LEU A 47 -11.28 20.21 -9.32
CA LEU A 47 -11.69 20.03 -10.69
C LEU A 47 -12.07 21.38 -11.38
N ASP A 48 -12.79 22.23 -10.66
CA ASP A 48 -13.17 23.53 -11.17
C ASP A 48 -11.90 24.31 -11.59
N LYS A 49 -10.90 24.26 -10.72
CA LYS A 49 -9.74 25.10 -10.93
C LYS A 49 -8.97 24.70 -12.23
N ILE A 50 -8.81 23.40 -12.48
CA ILE A 50 -8.15 22.94 -13.70
C ILE A 50 -9.05 23.19 -14.92
N ARG A 51 -10.37 23.08 -14.73
CA ARG A 51 -11.33 23.34 -15.82
C ARG A 51 -11.23 24.79 -16.27
N TYR A 52 -11.23 25.69 -15.31
CA TYR A 52 -11.17 27.12 -15.73
C TYR A 52 -9.77 27.48 -16.35
N GLN A 53 -8.74 26.79 -15.88
CA GLN A 53 -7.39 27.08 -16.32
C GLN A 53 -7.27 26.66 -17.75
N ALA A 54 -7.84 25.53 -18.08
CA ALA A 54 -7.76 25.06 -19.44
C ALA A 54 -8.51 25.96 -20.46
N LEU A 55 -9.45 26.82 -20.03
CA LEU A 55 -10.10 27.75 -20.98
C LEU A 55 -9.14 28.72 -21.66
N THR A 56 -8.06 29.10 -20.98
CA THR A 56 -7.09 30.02 -21.64
C THR A 56 -5.82 29.20 -21.98
N GLU A 57 -5.63 28.06 -21.29
CA GLU A 57 -4.39 27.28 -21.44
C GLU A 57 -4.69 25.80 -21.65
N PRO A 58 -5.15 25.45 -22.85
CA PRO A 58 -5.57 24.06 -23.08
C PRO A 58 -4.53 22.99 -22.77
N SER A 59 -3.24 23.34 -22.76
CA SER A 59 -2.23 22.30 -22.55
C SER A 59 -2.07 21.89 -21.09
N GLU A 60 -2.72 22.61 -20.17
CA GLU A 60 -2.80 22.13 -18.78
C GLU A 60 -3.52 20.73 -18.70
N LEU A 61 -4.27 20.36 -19.73
CA LEU A 61 -4.94 19.05 -19.80
C LEU A 61 -4.13 17.98 -20.54
N ASP A 62 -2.91 18.31 -20.92
CA ASP A 62 -2.01 17.31 -21.44
C ASP A 62 -1.74 16.20 -20.43
N THR A 63 -1.91 16.49 -19.14
CA THR A 63 -1.76 15.46 -18.09
C THR A 63 -3.07 14.72 -17.81
N GLY A 64 -4.03 14.83 -18.72
CA GLY A 64 -5.33 14.15 -18.52
C GLY A 64 -6.50 15.09 -18.79
N LYS A 65 -7.28 14.74 -19.80
CA LYS A 65 -8.49 15.50 -20.17
C LYS A 65 -9.71 15.17 -19.31
N GLU A 66 -9.84 13.90 -18.93
CA GLU A 66 -11.01 13.42 -18.24
C GLU A 66 -11.08 13.97 -16.81
N LEU A 67 -12.17 14.70 -16.51
CA LEU A 67 -12.38 15.34 -15.19
C LEU A 67 -13.40 14.60 -14.28
N PHE A 68 -12.92 13.92 -13.25
CA PHE A 68 -13.82 13.09 -12.45
C PHE A 68 -13.32 12.82 -11.04
N ILE A 69 -14.21 12.25 -10.23
CA ILE A 69 -13.89 11.79 -8.87
C ILE A 69 -14.12 10.29 -8.89
N LYS A 70 -13.30 9.55 -8.19
CA LYS A 70 -13.50 8.11 -8.12
C LYS A 70 -13.31 7.64 -6.68
N ILE A 71 -14.28 6.84 -6.19
CA ILE A 71 -14.29 6.36 -4.83
C ILE A 71 -14.06 4.87 -4.78
N THR A 72 -13.06 4.42 -4.00
CA THR A 72 -12.73 3.00 -3.98
C THR A 72 -12.66 2.47 -2.56
N PRO A 73 -13.74 1.85 -2.08
CA PRO A 73 -13.63 1.19 -0.78
C PRO A 73 -12.88 -0.15 -0.91
N ASN A 74 -12.09 -0.47 0.10
CA ASN A 74 -11.34 -1.72 0.09
C ASN A 74 -11.50 -2.32 1.46
N LYS A 75 -12.50 -3.18 1.59
CA LYS A 75 -12.85 -3.79 2.87
C LYS A 75 -11.72 -4.68 3.37
N GLU A 76 -11.04 -5.41 2.48
CA GLU A 76 -9.90 -6.27 2.88
CA GLU A 76 -9.93 -6.26 2.95
C GLU A 76 -8.81 -5.48 3.63
N GLU A 77 -8.54 -4.26 3.16
CA GLU A 77 -7.45 -3.47 3.71
C GLU A 77 -7.94 -2.34 4.58
N LYS A 78 -9.26 -2.21 4.70
CA LYS A 78 -9.87 -1.20 5.56
C LYS A 78 -9.46 0.20 5.11
N THR A 79 -9.44 0.41 3.79
CA THR A 79 -9.16 1.75 3.28
C THR A 79 -10.31 2.24 2.40
N LEU A 80 -10.55 3.56 2.47
CA LEU A 80 -11.41 4.27 1.54
C LEU A 80 -10.53 5.25 0.76
N THR A 81 -10.52 5.12 -0.56
CA THR A 81 -9.79 6.03 -1.43
C THR A 81 -10.76 6.96 -2.21
N ILE A 82 -10.46 8.26 -2.23
CA ILE A 82 -11.17 9.27 -3.03
C ILE A 82 -10.14 9.95 -3.93
N MET A 83 -10.29 9.79 -5.24
CA MET A 83 -9.34 10.39 -6.15
C MET A 83 -10.03 11.35 -7.11
N ASP A 84 -9.32 12.38 -7.54
CA ASP A 84 -9.91 13.31 -8.49
C ASP A 84 -8.78 13.60 -9.47
N THR A 85 -9.17 14.08 -10.64
CA THR A 85 -8.20 14.52 -11.67
C THR A 85 -8.16 16.09 -11.74
N GLY A 86 -8.31 16.71 -10.58
CA GLY A 86 -8.28 18.14 -10.43
C GLY A 86 -6.88 18.73 -10.49
N ILE A 87 -6.73 19.91 -9.96
CA ILE A 87 -5.52 20.69 -10.18
C ILE A 87 -4.28 20.08 -9.48
N GLY A 88 -4.51 19.28 -8.44
CA GLY A 88 -3.41 18.71 -7.68
C GLY A 88 -2.71 19.79 -6.87
N MET A 89 -1.81 19.35 -6.00
CA MET A 89 -1.11 20.21 -5.05
C MET A 89 0.39 19.99 -5.20
N THR A 90 1.14 21.08 -5.30
CA THR A 90 2.64 21.01 -5.33
C THR A 90 3.15 20.60 -3.94
N LYS A 91 4.46 20.26 -3.80
CA LYS A 91 5.01 20.08 -2.45
C LYS A 91 4.64 21.23 -1.51
N ALA A 92 4.94 22.47 -1.88
CA ALA A 92 4.58 23.68 -1.11
C ALA A 92 3.08 23.72 -0.78
N ASP A 93 2.18 23.42 -1.73
CA ASP A 93 0.73 23.44 -1.37
C ASP A 93 0.43 22.42 -0.28
N LEU A 94 1.03 21.23 -0.38
CA LEU A 94 0.76 20.21 0.59
C LEU A 94 1.20 20.69 1.95
N VAL A 95 2.42 21.20 2.06
CA VAL A 95 2.95 21.69 3.33
C VAL A 95 2.13 22.90 3.83
N ASN A 96 1.84 23.83 2.94
CA ASN A 96 1.16 25.06 3.36
C ASN A 96 -0.35 24.91 3.62
N ASN A 97 -1.04 24.12 2.80
CA ASN A 97 -2.51 24.09 2.93
C ASN A 97 -3.09 22.98 3.81
N LEU A 98 -2.25 21.96 4.06
CA LEU A 98 -2.66 20.76 4.80
C LEU A 98 -1.79 20.65 6.02
N GLY A 99 -1.52 21.77 6.68
CA GLY A 99 -1.00 21.64 8.05
C GLY A 99 -0.19 22.72 8.78
N THR A 100 0.75 23.38 8.10
CA THR A 100 1.69 24.27 8.82
C THR A 100 1.18 25.69 9.05
N ILE A 101 0.37 26.20 8.15
CA ILE A 101 -0.11 27.57 8.26
C ILE A 101 -1.45 27.63 8.99
N ALA A 102 -1.51 28.54 9.96
CA ALA A 102 -2.70 28.87 10.71
C ALA A 102 -3.88 29.03 9.76
N LYS A 103 -5.05 28.49 10.11
CA LYS A 103 -6.27 28.90 9.41
C LYS A 103 -7.13 29.75 10.38
N SER A 104 -7.69 30.84 9.88
CA SER A 104 -8.45 31.79 10.76
C SER A 104 -9.67 31.12 11.43
N GLY A 105 -10.24 30.09 10.81
CA GLY A 105 -11.48 29.45 11.32
C GLY A 105 -11.24 28.38 12.36
N THR A 106 -10.00 27.93 12.51
CA THR A 106 -9.70 26.74 13.31
C THR A 106 -10.16 26.80 14.76
N LYS A 107 -9.80 27.90 15.39
CA LYS A 107 -9.97 28.09 16.81
C LYS A 107 -11.45 28.32 17.07
N ALA A 108 -12.06 29.16 16.25
CA ALA A 108 -13.50 29.35 16.29
C ALA A 108 -14.33 28.05 16.20
N PHE A 109 -13.97 27.17 15.26
CA PHE A 109 -14.62 25.88 15.17
C PHE A 109 -14.38 25.04 16.41
N MET A 110 -13.15 24.98 16.92
CA MET A 110 -13.00 24.22 18.18
C MET A 110 -13.96 24.76 19.24
N GLU A 111 -14.06 26.09 19.34
CA GLU A 111 -14.95 26.70 20.39
C GLU A 111 -16.43 26.41 20.07
N ALA A 112 -16.82 26.49 18.78
CA ALA A 112 -18.19 26.14 18.38
C ALA A 112 -18.51 24.68 18.77
N LEU A 113 -17.59 23.76 18.49
CA LEU A 113 -17.79 22.38 18.86
C LEU A 113 -17.95 22.22 20.36
N GLN A 114 -17.02 22.81 21.11
CA GLN A 114 -17.12 22.79 22.54
C GLN A 114 -18.46 23.31 23.06
N ALA A 115 -19.08 24.24 22.35
CA ALA A 115 -20.34 24.81 22.82
C ALA A 115 -21.51 23.95 22.35
N GLY A 116 -21.23 22.90 21.58
CA GLY A 116 -22.27 22.00 21.14
C GLY A 116 -22.76 22.13 19.69
N ALA A 117 -22.05 22.84 18.83
CA ALA A 117 -22.33 22.90 17.39
C ALA A 117 -22.21 21.54 16.69
N ASP A 118 -22.90 21.35 15.57
CA ASP A 118 -22.67 20.09 14.87
C ASP A 118 -21.36 20.02 14.06
N ILE A 119 -20.69 18.87 14.14
CA ILE A 119 -19.55 18.54 13.29
C ILE A 119 -19.75 18.88 11.81
N SER A 120 -20.97 18.81 11.32
CA SER A 120 -21.26 19.11 9.92
C SER A 120 -20.99 20.56 9.53
N MET A 121 -20.82 21.45 10.51
CA MET A 121 -20.44 22.84 10.17
C MET A 121 -18.98 22.99 9.69
N ILE A 122 -18.15 21.98 9.89
CA ILE A 122 -16.69 22.09 9.69
C ILE A 122 -16.22 22.87 8.44
N GLY A 123 -16.93 22.68 7.32
CA GLY A 123 -16.51 23.17 6.00
C GLY A 123 -16.66 24.67 5.99
N GLN A 124 -17.65 25.14 6.74
CA GLN A 124 -17.92 26.57 6.81
C GLN A 124 -16.80 27.36 7.50
N PHE A 125 -15.99 26.67 8.28
CA PHE A 125 -14.88 27.25 8.98
C PHE A 125 -13.54 27.08 8.20
N GLY A 126 -13.57 26.54 6.99
CA GLY A 126 -12.36 26.45 6.15
C GLY A 126 -11.37 25.37 6.59
N VAL A 127 -11.84 24.40 7.40
CA VAL A 127 -11.04 23.27 7.85
C VAL A 127 -11.67 21.90 7.46
N GLY A 128 -12.52 21.83 6.43
CA GLY A 128 -13.21 20.56 6.11
C GLY A 128 -12.33 19.32 5.91
N PHE A 129 -11.11 19.49 5.40
CA PHE A 129 -10.22 18.34 5.16
C PHE A 129 -10.04 17.51 6.44
N TYR A 130 -9.99 18.13 7.60
CA TYR A 130 -9.72 17.33 8.82
C TYR A 130 -10.86 16.44 9.23
N SER A 131 -12.01 16.58 8.60
CA SER A 131 -13.12 15.63 8.84
C SER A 131 -12.71 14.21 8.44
N ALA A 132 -11.70 14.07 7.60
CA ALA A 132 -11.20 12.75 7.30
C ALA A 132 -10.85 12.02 8.59
N PHE A 133 -10.27 12.71 9.58
CA PHE A 133 -9.95 12.05 10.87
C PHE A 133 -11.12 11.61 11.73
N LEU A 134 -12.35 11.94 11.33
CA LEU A 134 -13.55 11.33 11.96
C LEU A 134 -13.63 9.79 11.81
N VAL A 135 -13.20 9.28 10.66
CA VAL A 135 -13.36 7.88 10.34
C VAL A 135 -12.00 7.19 10.16
N ALA A 136 -10.92 7.99 10.11
CA ALA A 136 -9.62 7.47 9.75
C ALA A 136 -8.61 7.66 10.88
N ASP A 137 -7.81 6.63 11.10
CA ASP A 137 -6.66 6.72 12.01
C ASP A 137 -5.46 7.36 11.34
N LYS A 138 -5.24 7.02 10.08
CA LYS A 138 -4.18 7.53 9.22
C LYS A 138 -4.80 8.01 7.86
N VAL A 139 -4.26 9.09 7.33
CA VAL A 139 -4.66 9.56 6.03
C VAL A 139 -3.41 9.75 5.18
N VAL A 140 -3.38 9.18 3.98
CA VAL A 140 -2.25 9.40 3.04
C VAL A 140 -2.72 10.11 1.80
N VAL A 141 -2.07 11.25 1.48
CA VAL A 141 -2.50 12.07 0.33
C VAL A 141 -1.43 12.08 -0.74
N THR A 142 -1.72 11.49 -1.91
CA THR A 142 -0.74 11.52 -3.00
C THR A 142 -1.27 12.56 -3.99
N SER A 143 -0.41 13.50 -4.39
CA SER A 143 -0.87 14.62 -5.25
C SER A 143 0.17 15.10 -6.27
N LYS A 144 -0.27 15.40 -7.49
CA LYS A 144 0.61 15.83 -8.55
C LYS A 144 -0.08 17.02 -9.24
N ASN A 145 0.61 18.16 -9.27
CA ASN A 145 0.13 19.40 -9.86
C ASN A 145 1.03 19.54 -11.07
N ASN A 146 0.55 20.19 -12.13
CA ASN A 146 1.36 20.39 -13.35
C ASN A 146 2.71 21.10 -13.13
N ASP A 147 2.84 21.84 -12.03
CA ASP A 147 3.98 22.72 -11.75
C ASP A 147 4.99 22.03 -10.81
N ASP A 148 4.78 20.78 -10.43
CA ASP A 148 5.74 20.13 -9.54
C ASP A 148 5.82 18.63 -9.82
N ASP A 149 6.76 17.94 -9.16
CA ASP A 149 6.74 16.48 -9.15
C ASP A 149 5.68 15.96 -8.18
N SER A 150 5.41 14.65 -8.23
CA SER A 150 4.42 13.99 -7.36
C SER A 150 4.93 13.75 -5.92
N TYR A 151 4.11 14.14 -4.95
CA TYR A 151 4.41 14.03 -3.56
C TYR A 151 3.30 13.37 -2.74
N GLN A 152 3.63 12.99 -1.52
CA GLN A 152 2.75 12.28 -0.65
C GLN A 152 2.82 12.87 0.73
N TRP A 153 1.64 13.23 1.24
CA TRP A 153 1.51 13.71 2.59
C TRP A 153 0.89 12.60 3.38
N GLU A 154 1.33 12.42 4.61
CA GLU A 154 0.80 11.35 5.48
C GLU A 154 0.80 11.79 6.95
N SER A 155 -0.26 11.47 7.70
CA SER A 155 -0.30 11.77 9.12
C SER A 155 -1.17 10.80 9.87
N SER A 156 -0.73 10.42 11.07
CA SER A 156 -1.59 9.65 11.94
C SER A 156 -2.00 10.52 13.09
N ALA A 157 -2.22 11.80 12.81
CA ALA A 157 -2.33 12.82 13.82
C ALA A 157 -1.06 12.87 14.68
N GLY A 158 -1.23 13.04 15.99
CA GLY A 158 -0.07 13.15 16.89
C GLY A 158 0.79 14.41 16.80
N GLY A 159 0.32 15.42 16.06
CA GLY A 159 0.97 16.74 16.05
C GLY A 159 1.86 16.92 14.85
N SER A 160 2.05 15.89 14.06
CA SER A 160 2.92 16.04 12.91
C SER A 160 2.42 15.26 11.70
N PHE A 161 2.96 15.63 10.54
CA PHE A 161 2.73 14.94 9.29
C PHE A 161 4.05 14.82 8.57
N VAL A 162 4.14 13.89 7.63
CA VAL A 162 5.31 13.82 6.78
C VAL A 162 4.99 14.03 5.29
N VAL A 163 5.92 14.63 4.56
CA VAL A 163 5.80 14.72 3.10
C VAL A 163 7.03 14.07 2.50
N ARG A 164 6.82 13.20 1.52
CA ARG A 164 7.92 12.51 0.84
C ARG A 164 7.57 12.54 -0.66
N PRO A 165 8.57 12.41 -1.56
CA PRO A 165 8.37 12.14 -2.98
C PRO A 165 7.67 10.78 -3.23
N PHE A 166 6.74 10.73 -4.19
CA PHE A 166 6.04 9.48 -4.46
C PHE A 166 5.35 9.55 -5.80
N ASN A 167 5.67 8.64 -6.72
CA ASN A 167 5.00 8.61 -8.04
C ASN A 167 3.97 7.47 -8.08
N ASP A 168 2.76 7.78 -8.50
CA ASP A 168 1.69 6.82 -8.59
C ASP A 168 1.28 6.96 -10.03
N PRO A 169 1.38 5.89 -10.85
CA PRO A 169 0.99 5.94 -12.27
C PRO A 169 -0.48 6.27 -12.50
N GLU A 170 -1.35 5.99 -11.54
CA GLU A 170 -2.73 6.49 -11.58
C GLU A 170 -2.91 8.02 -11.40
N VAL A 171 -1.97 8.70 -10.73
CA VAL A 171 -2.13 10.16 -10.50
C VAL A 171 -1.15 10.92 -11.44
N THR A 172 -1.56 11.22 -12.68
CA THR A 172 -0.73 12.05 -13.59
C THR A 172 -1.06 13.54 -13.38
N ARG A 173 -2.23 13.84 -12.84
CA ARG A 173 -2.53 15.18 -12.32
C ARG A 173 -3.81 15.03 -11.45
N GLY A 174 -3.74 15.49 -10.20
CA GLY A 174 -4.86 15.32 -9.27
C GLY A 174 -4.40 14.85 -7.90
N THR A 175 -5.34 14.27 -7.14
CA THR A 175 -5.12 14.00 -5.75
C THR A 175 -5.82 12.73 -5.40
N LYS A 176 -5.10 11.83 -4.75
CA LYS A 176 -5.65 10.60 -4.25
C LYS A 176 -5.50 10.64 -2.74
N ILE A 177 -6.62 10.55 -2.05
CA ILE A 177 -6.61 10.51 -0.61
C ILE A 177 -6.96 9.11 -0.11
N VAL A 178 -6.08 8.49 0.66
CA VAL A 178 -6.34 7.14 1.12
C VAL A 178 -6.59 7.24 2.62
N MET A 179 -7.81 6.92 3.04
CA MET A 179 -8.17 6.90 4.47
C MET A 179 -8.09 5.50 5.05
N HIS A 180 -7.36 5.35 6.18
CA HIS A 180 -7.21 4.06 6.88
C HIS A 180 -8.23 4.08 7.99
N ILE A 181 -9.29 3.30 7.75
CA ILE A 181 -10.56 3.45 8.48
C ILE A 181 -10.45 2.81 9.86
N LYS A 182 -10.85 3.58 10.89
CA LYS A 182 -10.94 3.13 12.29
C LYS A 182 -11.82 1.91 12.43
N GLU A 183 -11.47 0.99 13.33
CA GLU A 183 -12.29 -0.22 13.49
C GLU A 183 -13.77 0.07 13.79
N ASP A 184 -14.05 1.08 14.58
CA ASP A 184 -15.42 1.38 14.88
C ASP A 184 -16.15 2.15 13.76
N GLN A 185 -15.47 2.40 12.62
CA GLN A 185 -16.09 3.15 11.53
C GLN A 185 -16.18 2.38 10.20
N ILE A 186 -15.89 1.07 10.22
CA ILE A 186 -15.83 0.23 8.99
C ILE A 186 -17.14 0.17 8.17
N ASP A 187 -18.28 0.48 8.81
CA ASP A 187 -19.58 0.61 8.09
C ASP A 187 -19.41 1.50 6.84
N PHE A 188 -18.61 2.58 6.97
CA PHE A 188 -18.44 3.49 5.83
C PHE A 188 -17.73 2.89 4.60
N LEU A 189 -17.28 1.63 4.73
CA LEU A 189 -16.67 0.92 3.62
C LEU A 189 -17.70 0.17 2.78
N GLU A 190 -18.97 0.21 3.14
CA GLU A 190 -19.97 -0.55 2.41
C GLU A 190 -20.46 0.17 1.17
N GLU A 191 -20.57 -0.56 0.07
CA GLU A 191 -21.05 -0.03 -1.20
C GLU A 191 -22.34 0.78 -1.03
N ARG A 192 -23.27 0.23 -0.27
CA ARG A 192 -24.61 0.77 -0.13
C ARG A 192 -24.56 2.06 0.66
N LYS A 193 -23.68 2.11 1.67
CA LYS A 193 -23.65 3.26 2.53
CA LYS A 193 -23.64 3.28 2.54
C LYS A 193 -23.03 4.45 1.76
N ILE A 194 -21.95 4.18 1.02
CA ILE A 194 -21.32 5.22 0.21
C ILE A 194 -22.37 5.78 -0.75
N LYS A 195 -23.05 4.87 -1.50
CA LYS A 195 -24.05 5.29 -2.47
C LYS A 195 -25.09 6.20 -1.81
N GLU A 196 -25.52 5.85 -0.61
CA GLU A 196 -26.55 6.65 -0.02
C GLU A 196 -26.06 8.03 0.34
N ILE A 197 -24.85 8.13 0.86
CA ILE A 197 -24.33 9.40 1.31
C ILE A 197 -24.10 10.36 0.14
N VAL A 198 -23.56 9.84 -0.95
CA VAL A 198 -23.34 10.63 -2.18
C VAL A 198 -24.66 11.07 -2.78
N LYS A 199 -25.61 10.14 -2.78
CA LYS A 199 -26.87 10.40 -3.40
C LYS A 199 -27.60 11.50 -2.62
N LYS A 200 -27.41 11.51 -1.31
CA LYS A 200 -28.20 12.37 -0.44
C LYS A 200 -27.53 13.70 -0.16
N HIS A 201 -26.20 13.74 -0.14
CA HIS A 201 -25.47 14.95 0.25
C HIS A 201 -24.50 15.52 -0.77
N SER A 202 -24.35 14.86 -1.91
CA SER A 202 -23.43 15.34 -2.96
C SER A 202 -24.10 15.22 -4.33
N GLN A 203 -25.40 15.49 -4.38
CA GLN A 203 -26.20 15.30 -5.62
C GLN A 203 -26.05 16.44 -6.61
N PHE A 204 -25.48 17.55 -6.17
CA PHE A 204 -25.32 18.71 -7.05
C PHE A 204 -23.89 18.97 -7.57
N ILE A 205 -22.98 18.01 -7.38
CA ILE A 205 -21.57 18.15 -7.80
C ILE A 205 -21.51 18.05 -9.34
N GLY A 206 -20.72 18.88 -10.01
CA GLY A 206 -20.75 18.96 -11.49
C GLY A 206 -19.81 17.96 -12.21
N TYR A 207 -19.39 16.91 -11.54
CA TYR A 207 -18.50 15.95 -12.24
C TYR A 207 -19.00 14.53 -11.96
N PRO A 208 -18.69 13.56 -12.83
CA PRO A 208 -19.03 12.19 -12.45
C PRO A 208 -18.30 11.78 -11.18
N ILE A 209 -19.02 11.06 -10.31
CA ILE A 209 -18.48 10.32 -9.17
C ILE A 209 -18.58 8.83 -9.47
N LYS A 210 -17.41 8.22 -9.65
CA LYS A 210 -17.33 6.80 -10.02
C LYS A 210 -17.09 6.02 -8.74
N LEU A 211 -17.81 4.94 -8.53
CA LEU A 211 -17.65 4.13 -7.31
C LEU A 211 -17.19 2.79 -7.80
N VAL A 212 -16.00 2.35 -7.40
CA VAL A 212 -15.50 1.04 -7.79
C VAL A 212 -15.34 0.12 -6.59
N VAL A 213 -15.97 -1.05 -6.67
CA VAL A 213 -15.76 -2.15 -5.69
C VAL A 213 -14.60 -3.12 -5.96
N GLU A 214 -14.06 -3.63 -4.86
CA GLU A 214 -12.72 -4.24 -4.79
C GLU A 214 -12.69 -5.58 -4.08
N GLU B 6 10.11 3.23 -17.81
CA GLU B 6 9.02 2.61 -18.61
C GLU B 6 7.76 2.59 -17.76
N ASN B 7 6.74 1.91 -18.22
CA ASN B 7 5.59 1.66 -17.38
C ASN B 7 5.47 0.14 -17.17
N ALA B 8 4.37 -0.29 -16.54
CA ALA B 8 4.04 -1.69 -16.32
C ALA B 8 4.12 -2.56 -17.59
N GLU B 9 4.82 -3.68 -17.53
CA GLU B 9 4.72 -4.72 -18.56
C GLU B 9 4.05 -5.96 -17.99
N THR B 10 3.22 -6.62 -18.79
CA THR B 10 2.61 -7.85 -18.35
C THR B 10 3.29 -9.09 -18.93
N PHE B 11 3.47 -10.12 -18.10
CA PHE B 11 4.15 -11.37 -18.52
C PHE B 11 3.34 -12.62 -18.22
N ALA B 12 3.22 -13.53 -19.18
CA ALA B 12 2.58 -14.81 -18.89
C ALA B 12 3.60 -15.65 -18.07
N PHE B 13 3.11 -16.40 -17.11
CA PHE B 13 3.88 -17.44 -16.48
C PHE B 13 4.06 -18.53 -17.54
N GLN B 14 5.22 -19.18 -17.55
CA GLN B 14 5.47 -20.40 -18.35
C GLN B 14 4.43 -21.45 -17.96
N ALA B 15 4.06 -22.33 -18.90
CA ALA B 15 2.80 -23.06 -18.80
C ALA B 15 2.67 -23.90 -17.53
N GLU B 16 3.71 -24.67 -17.22
CA GLU B 16 3.70 -25.55 -16.04
C GLU B 16 3.63 -24.79 -14.71
N ILE B 17 4.30 -23.65 -14.65
CA ILE B 17 4.27 -22.82 -13.47
C ILE B 17 2.84 -22.32 -13.23
N ALA B 18 2.16 -21.96 -14.32
CA ALA B 18 0.77 -21.48 -14.24
C ALA B 18 -0.13 -22.58 -13.70
N GLN B 19 0.13 -23.80 -14.15
CA GLN B 19 -0.63 -24.99 -13.70
C GLN B 19 -0.32 -25.33 -12.25
N LEU B 20 0.95 -25.21 -11.89
CA LEU B 20 1.32 -25.40 -10.50
C LEU B 20 0.68 -24.31 -9.63
N MET B 21 0.69 -23.06 -10.07
CA MET B 21 0.09 -22.00 -9.22
C MET B 21 -1.39 -22.27 -8.99
N SER B 22 -2.04 -22.75 -10.04
CA SER B 22 -3.42 -23.13 -10.00
C SER B 22 -3.71 -24.28 -8.99
N LEU B 23 -2.95 -25.36 -9.09
CA LEU B 23 -3.11 -26.50 -8.24
C LEU B 23 -2.94 -26.02 -6.80
N ILE B 24 -1.95 -25.13 -6.58
CA ILE B 24 -1.62 -24.57 -5.27
C ILE B 24 -2.71 -23.68 -4.67
N ILE B 25 -3.37 -22.86 -5.47
CA ILE B 25 -4.41 -22.02 -4.90
C ILE B 25 -5.77 -22.74 -4.82
N ASN B 26 -5.94 -23.78 -5.59
CA ASN B 26 -7.29 -24.30 -5.71
C ASN B 26 -7.51 -25.62 -4.96
N THR B 27 -6.44 -26.17 -4.39
CA THR B 27 -6.50 -27.42 -3.65
C THR B 27 -6.20 -27.07 -2.21
N PHE B 28 -6.94 -27.68 -1.29
CA PHE B 28 -6.67 -27.56 0.16
C PHE B 28 -5.40 -28.33 0.61
N TYR B 29 -4.49 -27.64 1.28
CA TYR B 29 -3.37 -28.31 1.90
C TYR B 29 -3.33 -27.89 3.33
N SER B 30 -3.12 -28.83 4.23
CA SER B 30 -2.69 -28.42 5.56
C SER B 30 -1.15 -28.46 5.52
N ASN B 31 -0.51 -27.99 6.56
CA ASN B 31 0.89 -27.62 6.46
C ASN B 31 1.20 -26.42 5.50
N LYS B 32 0.26 -25.47 5.35
CA LYS B 32 0.53 -24.20 4.64
C LYS B 32 1.71 -23.42 5.23
N GLU B 33 1.98 -23.62 6.52
CA GLU B 33 2.97 -22.79 7.25
C GLU B 33 4.39 -22.87 6.67
N ILE B 34 4.62 -23.83 5.78
CA ILE B 34 5.93 -24.01 5.16
C ILE B 34 6.26 -22.86 4.20
N TYR B 35 5.27 -22.03 3.85
CA TYR B 35 5.58 -20.89 2.98
C TYR B 35 6.65 -20.02 3.66
N LEU B 36 6.54 -19.82 4.96
CA LEU B 36 7.45 -18.89 5.64
C LEU B 36 8.88 -19.41 5.62
N ARG B 37 9.02 -20.71 5.87
CA ARG B 37 10.30 -21.42 5.73
CA ARG B 37 10.29 -21.39 5.75
C ARG B 37 10.94 -21.24 4.33
N GLU B 38 10.13 -21.38 3.27
CA GLU B 38 10.65 -21.26 1.92
C GLU B 38 11.10 -19.83 1.64
N LEU B 39 10.29 -18.87 2.09
CA LEU B 39 10.59 -17.47 1.82
C LEU B 39 11.85 -17.04 2.59
N ILE B 40 11.96 -17.48 3.82
CA ILE B 40 13.17 -17.21 4.62
C ILE B 40 14.42 -17.90 4.03
N SER B 41 14.25 -19.13 3.56
CA SER B 41 15.37 -19.79 2.93
C SER B 41 15.83 -18.98 1.68
N ASN B 42 14.87 -18.49 0.88
CA ASN B 42 15.26 -17.67 -0.27
C ASN B 42 15.95 -16.37 0.16
N ALA B 43 15.43 -15.75 1.21
CA ALA B 43 16.09 -14.54 1.71
C ALA B 43 17.52 -14.88 2.18
N SER B 44 17.70 -16.01 2.88
CA SER B 44 19.00 -16.42 3.38
C SER B 44 20.01 -16.66 2.21
N ASP B 45 19.56 -17.32 1.14
CA ASP B 45 20.37 -17.45 -0.10
C ASP B 45 20.80 -16.09 -0.70
N ALA B 46 19.88 -15.11 -0.70
CA ALA B 46 20.19 -13.79 -1.25
C ALA B 46 21.20 -13.08 -0.38
N LEU B 47 21.03 -13.20 0.92
CA LEU B 47 22.04 -12.71 1.86
C LEU B 47 23.39 -13.37 1.64
N ASP B 48 23.42 -14.68 1.54
CA ASP B 48 24.70 -15.35 1.27
C ASP B 48 25.39 -14.78 0.01
N LYS B 49 24.64 -14.67 -1.09
CA LYS B 49 25.26 -14.18 -2.35
C LYS B 49 25.93 -12.80 -2.24
N ILE B 50 25.26 -11.83 -1.61
CA ILE B 50 25.90 -10.53 -1.41
C ILE B 50 27.09 -10.61 -0.42
N ARG B 51 26.95 -11.42 0.63
CA ARG B 51 28.05 -11.68 1.57
C ARG B 51 29.31 -12.17 0.83
N TYR B 52 29.17 -13.19 0.01
CA TYR B 52 30.31 -13.76 -0.68
C TYR B 52 30.88 -12.76 -1.70
N GLN B 53 30.00 -12.08 -2.43
CA GLN B 53 30.40 -10.99 -3.31
C GLN B 53 31.27 -9.93 -2.62
N ALA B 54 30.91 -9.54 -1.41
CA ALA B 54 31.64 -8.47 -0.76
C ALA B 54 33.04 -8.92 -0.36
N LEU B 55 33.30 -10.23 -0.42
CA LEU B 55 34.64 -10.71 -0.09
C LEU B 55 35.67 -10.23 -1.06
N THR B 56 35.30 -10.04 -2.33
CA THR B 56 36.28 -9.52 -3.30
C THR B 56 35.89 -8.13 -3.81
N GLU B 57 34.64 -7.71 -3.63
CA GLU B 57 34.18 -6.38 -4.09
C GLU B 57 33.40 -5.66 -2.96
N PRO B 58 34.12 -5.18 -1.92
CA PRO B 58 33.50 -4.56 -0.74
C PRO B 58 32.56 -3.41 -1.10
N SER B 59 32.78 -2.76 -2.24
CA SER B 59 31.88 -1.66 -2.62
C SER B 59 30.43 -2.13 -2.99
N GLU B 60 30.18 -3.44 -3.01
CA GLU B 60 28.85 -3.99 -3.20
C GLU B 60 28.03 -3.71 -1.96
N LEU B 61 28.67 -3.46 -0.84
CA LEU B 61 27.97 -3.10 0.41
C LEU B 61 27.78 -1.56 0.65
N ASP B 62 28.16 -0.75 -0.34
CA ASP B 62 27.91 0.68 -0.31
C ASP B 62 26.41 0.93 -0.22
N THR B 63 25.59 -0.04 -0.67
CA THR B 63 24.11 0.14 -0.64
C THR B 63 23.48 -0.46 0.65
N GLY B 64 24.31 -0.71 1.65
CA GLY B 64 23.86 -1.24 2.94
C GLY B 64 24.78 -2.37 3.39
N LYS B 65 25.39 -2.20 4.56
CA LYS B 65 26.22 -3.27 5.15
C LYS B 65 25.45 -4.30 5.97
N GLU B 66 24.37 -3.87 6.64
CA GLU B 66 23.62 -4.72 7.60
CA GLU B 66 23.66 -4.73 7.57
C GLU B 66 22.94 -5.85 6.81
N LEU B 67 23.28 -7.10 7.13
CA LEU B 67 22.67 -8.27 6.48
C LEU B 67 21.59 -8.92 7.36
N PHE B 68 20.31 -8.71 7.03
CA PHE B 68 19.26 -9.28 7.87
C PHE B 68 17.99 -9.57 7.11
N ILE B 69 17.07 -10.22 7.82
CA ILE B 69 15.68 -10.47 7.36
C ILE B 69 14.72 -9.78 8.35
N LYS B 70 13.70 -9.12 7.80
CA LYS B 70 12.65 -8.50 8.62
C LYS B 70 11.24 -8.95 8.26
N ILE B 71 10.49 -9.34 9.28
CA ILE B 71 9.14 -9.79 9.11
C ILE B 71 8.15 -8.79 9.70
N THR B 72 7.19 -8.32 8.89
CA THR B 72 6.21 -7.36 9.39
C THR B 72 4.79 -7.82 9.08
N PRO B 73 4.07 -8.34 10.10
CA PRO B 73 2.64 -8.55 9.93
C PRO B 73 1.84 -7.25 10.13
N ASN B 74 0.83 -7.06 9.28
CA ASN B 74 -0.11 -5.96 9.48
C ASN B 74 -1.51 -6.54 9.43
N LYS B 75 -2.04 -6.80 10.62
CA LYS B 75 -3.40 -7.32 10.79
C LYS B 75 -4.49 -6.45 10.18
N GLU B 76 -4.37 -5.14 10.36
CA GLU B 76 -5.31 -4.23 9.71
C GLU B 76 -5.42 -4.49 8.20
N GLU B 77 -4.27 -4.62 7.54
CA GLU B 77 -4.30 -4.61 6.09
C GLU B 77 -4.21 -5.96 5.52
N LYS B 78 -4.15 -6.93 6.43
CA LYS B 78 -4.10 -8.33 6.09
C LYS B 78 -2.90 -8.56 5.17
N THR B 79 -1.76 -7.91 5.47
CA THR B 79 -0.54 -8.15 4.69
C THR B 79 0.55 -8.69 5.62
N LEU B 80 1.44 -9.54 5.06
CA LEU B 80 2.66 -9.95 5.72
C LEU B 80 3.80 -9.65 4.80
N THR B 81 4.78 -8.96 5.37
CA THR B 81 5.93 -8.50 4.61
C THR B 81 7.19 -9.22 5.10
N ILE B 82 7.92 -9.83 4.15
CA ILE B 82 9.22 -10.43 4.43
C ILE B 82 10.30 -9.66 3.68
N MET B 83 11.24 -9.05 4.38
CA MET B 83 12.20 -8.25 3.65
C MET B 83 13.63 -8.69 3.95
N ASP B 84 14.53 -8.62 2.96
CA ASP B 84 15.93 -8.96 3.22
C ASP B 84 16.80 -7.90 2.54
N THR B 85 18.05 -7.78 2.99
CA THR B 85 19.06 -6.89 2.43
C THR B 85 20.07 -7.74 1.60
N GLY B 86 19.56 -8.82 1.01
CA GLY B 86 20.30 -9.68 0.08
C GLY B 86 20.63 -9.04 -1.23
N ILE B 87 21.16 -9.86 -2.13
CA ILE B 87 21.69 -9.37 -3.43
C ILE B 87 20.62 -8.60 -4.28
N GLY B 88 19.34 -8.88 -4.02
CA GLY B 88 18.23 -8.31 -4.82
C GLY B 88 18.23 -8.80 -6.28
N MET B 89 17.18 -8.46 -7.03
CA MET B 89 16.95 -8.96 -8.38
C MET B 89 16.83 -7.77 -9.36
N THR B 90 17.50 -7.90 -10.52
CA THR B 90 17.37 -6.90 -11.59
C THR B 90 16.00 -7.08 -12.20
N LYS B 91 15.54 -6.14 -13.03
CA LYS B 91 14.35 -6.42 -13.84
C LYS B 91 14.43 -7.81 -14.51
N ALA B 92 15.52 -8.10 -15.21
CA ALA B 92 15.69 -9.41 -15.88
C ALA B 92 15.57 -10.59 -14.92
N ASP B 93 16.22 -10.51 -13.77
CA ASP B 93 16.06 -11.57 -12.73
C ASP B 93 14.60 -11.74 -12.36
N LEU B 94 13.88 -10.65 -12.11
CA LEU B 94 12.48 -10.80 -11.75
C LEU B 94 11.75 -11.50 -12.86
N VAL B 95 11.88 -11.01 -14.07
CA VAL B 95 11.19 -11.61 -15.20
C VAL B 95 11.61 -13.08 -15.46
N ASN B 96 12.90 -13.34 -15.44
CA ASN B 96 13.39 -14.69 -15.74
C ASN B 96 13.19 -15.69 -14.62
N ASN B 97 13.45 -15.25 -13.39
CA ASN B 97 13.47 -16.14 -12.24
C ASN B 97 12.14 -16.30 -11.49
N LEU B 98 11.23 -15.32 -11.60
CA LEU B 98 9.92 -15.47 -11.00
C LEU B 98 8.83 -15.62 -12.04
N GLY B 99 9.01 -16.43 -13.09
CA GLY B 99 7.81 -16.81 -13.83
C GLY B 99 7.91 -17.27 -15.28
N THR B 100 8.82 -16.68 -16.06
CA THR B 100 8.78 -16.89 -17.49
C THR B 100 9.55 -18.11 -17.96
N ILE B 101 10.63 -18.47 -17.26
CA ILE B 101 11.46 -19.62 -17.65
C ILE B 101 11.03 -20.92 -16.95
N ALA B 102 10.84 -21.95 -17.75
CA ALA B 102 10.47 -23.30 -17.24
C ALA B 102 11.47 -23.74 -16.16
N LYS B 103 10.99 -24.36 -15.09
CA LYS B 103 11.89 -25.02 -14.15
C LYS B 103 11.64 -26.54 -14.27
N SER B 104 12.71 -27.33 -14.20
CA SER B 104 12.64 -28.77 -14.51
C SER B 104 11.82 -29.53 -13.46
N GLY B 105 11.74 -29.00 -12.23
CA GLY B 105 10.97 -29.68 -11.16
C GLY B 105 9.48 -29.41 -11.17
N THR B 106 9.00 -28.44 -11.94
CA THR B 106 7.59 -28.00 -11.81
C THR B 106 6.56 -29.11 -12.00
N LYS B 107 6.63 -29.74 -13.17
CA LYS B 107 5.70 -30.79 -13.54
C LYS B 107 5.84 -31.98 -12.57
N ALA B 108 7.06 -32.38 -12.32
CA ALA B 108 7.37 -33.43 -11.35
C ALA B 108 6.72 -33.13 -9.98
N PHE B 109 6.79 -31.87 -9.54
CA PHE B 109 6.11 -31.50 -8.28
C PHE B 109 4.57 -31.61 -8.37
N MET B 110 4.00 -31.21 -9.49
CA MET B 110 2.55 -31.34 -9.62
C MET B 110 2.10 -32.79 -9.51
N GLU B 111 2.78 -33.68 -10.25
CA GLU B 111 2.47 -35.10 -10.18
C GLU B 111 2.74 -35.65 -8.78
N ALA B 112 3.80 -35.19 -8.14
CA ALA B 112 4.02 -35.63 -6.74
C ALA B 112 2.86 -35.19 -5.85
N LEU B 113 2.43 -33.94 -5.99
CA LEU B 113 1.29 -33.48 -5.23
C LEU B 113 0.02 -34.30 -5.46
N GLN B 114 -0.27 -34.60 -6.72
CA GLN B 114 -1.51 -35.32 -7.05
C GLN B 114 -1.42 -36.75 -6.59
N ALA B 115 -0.20 -37.30 -6.57
CA ALA B 115 0.03 -38.61 -6.00
C ALA B 115 0.03 -38.54 -4.46
N GLY B 116 -0.29 -37.36 -3.88
CA GLY B 116 -0.42 -37.22 -2.41
C GLY B 116 0.83 -36.85 -1.58
N ALA B 117 1.88 -36.36 -2.22
CA ALA B 117 3.06 -35.88 -1.47
C ALA B 117 2.72 -34.66 -0.63
N ASP B 118 3.47 -34.48 0.45
CA ASP B 118 3.23 -33.28 1.25
C ASP B 118 3.74 -31.98 0.59
N ILE B 119 2.95 -30.92 0.75
CA ILE B 119 3.26 -29.62 0.18
C ILE B 119 4.61 -29.16 0.68
N SER B 120 5.05 -29.64 1.86
CA SER B 120 6.35 -29.21 2.36
C SER B 120 7.51 -29.58 1.44
N MET B 121 7.27 -30.41 0.43
CA MET B 121 8.40 -30.84 -0.40
C MET B 121 8.72 -29.89 -1.49
N ILE B 122 7.83 -28.90 -1.69
CA ILE B 122 8.00 -27.86 -2.69
C ILE B 122 9.46 -27.35 -2.91
N GLY B 123 10.19 -27.11 -1.85
CA GLY B 123 11.54 -26.55 -1.92
C GLY B 123 12.46 -27.48 -2.67
N GLN B 124 12.36 -28.79 -2.42
CA GLN B 124 13.19 -29.78 -3.08
C GLN B 124 12.97 -29.83 -4.58
N PHE B 125 11.85 -29.33 -5.07
CA PHE B 125 11.64 -29.27 -6.53
C PHE B 125 12.04 -27.95 -7.20
N GLY B 126 12.70 -27.06 -6.46
CA GLY B 126 13.18 -25.78 -7.09
C GLY B 126 12.09 -24.76 -7.34
N VAL B 127 10.90 -24.96 -6.74
CA VAL B 127 9.81 -24.03 -6.91
C VAL B 127 9.29 -23.44 -5.61
N GLY B 128 10.11 -23.40 -4.54
CA GLY B 128 9.67 -22.86 -3.24
C GLY B 128 8.88 -21.52 -3.21
N PHE B 129 9.28 -20.58 -4.09
CA PHE B 129 8.64 -19.26 -4.11
C PHE B 129 7.10 -19.35 -4.22
N TYR B 130 6.60 -20.22 -5.09
CA TYR B 130 5.12 -20.25 -5.26
C TYR B 130 4.34 -20.72 -3.99
N SER B 131 5.03 -21.25 -2.98
CA SER B 131 4.36 -21.56 -1.71
C SER B 131 3.69 -20.29 -1.13
N ALA B 132 4.18 -19.10 -1.53
CA ALA B 132 3.53 -17.89 -1.06
C ALA B 132 2.04 -17.93 -1.41
N PHE B 133 1.67 -18.47 -2.58
CA PHE B 133 0.26 -18.45 -2.97
C PHE B 133 -0.59 -19.47 -2.21
N LEU B 134 0.01 -20.28 -1.33
CA LEU B 134 -0.78 -21.01 -0.29
C LEU B 134 -1.61 -20.09 0.65
N VAL B 135 -1.04 -18.91 1.00
CA VAL B 135 -1.66 -18.13 2.05
C VAL B 135 -2.07 -16.75 1.54
N ALA B 136 -1.55 -16.39 0.36
CA ALA B 136 -1.79 -15.07 -0.25
C ALA B 136 -2.55 -15.16 -1.58
N ASP B 137 -3.45 -14.18 -1.77
CA ASP B 137 -4.21 -13.91 -3.01
C ASP B 137 -3.42 -13.04 -3.94
N LYS B 138 -2.55 -12.23 -3.40
CA LYS B 138 -1.77 -11.37 -4.25
C LYS B 138 -0.43 -11.30 -3.56
N VAL B 139 0.61 -11.27 -4.37
CA VAL B 139 1.97 -11.18 -3.87
C VAL B 139 2.68 -10.06 -4.65
N VAL B 140 3.31 -9.12 -3.93
CA VAL B 140 3.96 -7.98 -4.57
C VAL B 140 5.39 -8.04 -4.12
N VAL B 141 6.34 -8.02 -5.07
CA VAL B 141 7.75 -8.15 -4.72
C VAL B 141 8.50 -6.88 -5.17
N THR B 142 9.01 -6.10 -4.22
CA THR B 142 9.87 -4.94 -4.58
C THR B 142 11.32 -5.42 -4.48
N SER B 143 12.10 -5.29 -5.54
CA SER B 143 13.50 -5.73 -5.44
C SER B 143 14.50 -4.74 -6.08
N LYS B 144 15.64 -4.58 -5.43
CA LYS B 144 16.67 -3.71 -5.96
C LYS B 144 18.00 -4.37 -5.88
N ASN B 145 18.64 -4.54 -7.05
CA ASN B 145 19.95 -5.17 -7.19
C ASN B 145 20.95 -4.06 -7.54
N ASN B 146 22.20 -4.16 -7.11
CA ASN B 146 23.16 -3.05 -7.38
C ASN B 146 23.35 -2.73 -8.85
N ASP B 147 23.06 -3.66 -9.74
CA ASP B 147 23.27 -3.50 -11.20
C ASP B 147 22.07 -2.96 -11.94
N ASP B 148 20.99 -2.60 -11.25
CA ASP B 148 19.79 -2.18 -11.96
C ASP B 148 19.01 -1.17 -11.09
N ASP B 149 18.01 -0.51 -11.68
CA ASP B 149 17.05 0.29 -10.92
C ASP B 149 16.10 -0.65 -10.14
N SER B 150 15.34 -0.10 -9.20
CA SER B 150 14.42 -0.82 -8.38
C SER B 150 13.13 -1.10 -9.13
N TYR B 151 12.64 -2.32 -8.97
CA TYR B 151 11.50 -2.78 -9.75
C TYR B 151 10.54 -3.51 -8.84
N GLN B 152 9.30 -3.67 -9.31
CA GLN B 152 8.26 -4.37 -8.58
C GLN B 152 7.52 -5.41 -9.46
N TRP B 153 7.45 -6.63 -8.94
CA TRP B 153 6.75 -7.73 -9.58
C TRP B 153 5.47 -7.92 -8.79
N GLU B 154 4.39 -8.22 -9.50
CA GLU B 154 3.10 -8.39 -8.85
C GLU B 154 2.29 -9.45 -9.56
N SER B 155 1.72 -10.41 -8.85
CA SER B 155 0.79 -11.34 -9.47
C SER B 155 -0.34 -11.70 -8.53
N SER B 156 -1.54 -11.91 -9.11
CA SER B 156 -2.63 -12.49 -8.34
C SER B 156 -2.92 -13.85 -8.86
N ALA B 157 -1.90 -14.46 -9.48
CA ALA B 157 -2.01 -15.77 -10.10
C ALA B 157 -2.98 -15.81 -11.29
N GLY B 158 -2.87 -14.89 -12.23
CA GLY B 158 -3.86 -14.92 -13.29
C GLY B 158 -3.46 -15.78 -14.47
N GLY B 159 -2.28 -16.39 -14.37
CA GLY B 159 -1.56 -16.92 -15.52
C GLY B 159 -0.57 -15.85 -15.95
N SER B 160 -0.61 -14.68 -15.31
CA SER B 160 0.34 -13.66 -15.63
C SER B 160 0.85 -12.87 -14.41
N PHE B 161 1.84 -12.03 -14.63
CA PHE B 161 2.38 -11.19 -13.59
C PHE B 161 2.73 -9.89 -14.26
N VAL B 162 2.77 -8.80 -13.50
CA VAL B 162 3.26 -7.56 -14.07
C VAL B 162 4.57 -7.17 -13.44
N VAL B 163 5.44 -6.54 -14.23
CA VAL B 163 6.63 -5.87 -13.73
C VAL B 163 6.59 -4.37 -14.05
N ARG B 164 6.79 -3.54 -13.02
CA ARG B 164 6.81 -2.05 -13.19
C ARG B 164 8.03 -1.48 -12.45
N PRO B 165 8.53 -0.28 -12.83
CA PRO B 165 9.53 0.44 -11.99
C PRO B 165 8.93 0.90 -10.65
N PHE B 166 9.72 0.89 -9.58
CA PHE B 166 9.16 1.26 -8.28
C PHE B 166 10.25 1.43 -7.27
N ASN B 167 10.31 2.58 -6.64
CA ASN B 167 11.34 2.89 -5.65
C ASN B 167 10.71 2.82 -4.27
N ASP B 168 11.40 2.15 -3.35
CA ASP B 168 10.94 2.08 -2.01
C ASP B 168 12.14 2.47 -1.21
N PRO B 169 12.05 3.59 -0.44
CA PRO B 169 13.22 4.09 0.26
C PRO B 169 13.76 3.05 1.24
N GLU B 170 12.92 2.15 1.71
CA GLU B 170 13.34 1.09 2.60
C GLU B 170 14.24 0.06 1.91
N VAL B 171 14.12 -0.09 0.59
CA VAL B 171 14.89 -1.09 -0.11
C VAL B 171 16.02 -0.39 -0.95
N THR B 172 17.21 -0.17 -0.37
CA THR B 172 18.32 0.34 -1.17
C THR B 172 19.11 -0.83 -1.81
N ARG B 173 19.00 -2.03 -1.22
CA ARG B 173 19.45 -3.28 -1.90
C ARG B 173 18.83 -4.48 -1.22
N GLY B 174 18.15 -5.29 -2.03
CA GLY B 174 17.52 -6.49 -1.49
C GLY B 174 16.11 -6.66 -1.97
N THR B 175 15.29 -7.32 -1.18
CA THR B 175 14.01 -7.72 -1.69
C THR B 175 12.93 -7.66 -0.63
N LYS B 176 11.76 -7.15 -1.00
CA LYS B 176 10.65 -7.06 -0.08
C LYS B 176 9.46 -7.77 -0.68
N ILE B 177 8.98 -8.78 0.03
CA ILE B 177 7.80 -9.51 -0.42
C ILE B 177 6.55 -9.15 0.40
N VAL B 178 5.57 -8.57 -0.25
CA VAL B 178 4.34 -8.27 0.45
C VAL B 178 3.27 -9.25 0.02
N MET B 179 2.81 -10.05 1.00
CA MET B 179 1.74 -11.01 0.80
C MET B 179 0.41 -10.49 1.33
N HIS B 180 -0.59 -10.46 0.42
CA HIS B 180 -2.00 -10.12 0.73
C HIS B 180 -2.72 -11.38 1.09
N ILE B 181 -2.93 -11.50 2.38
CA ILE B 181 -3.25 -12.80 3.00
C ILE B 181 -4.72 -13.16 2.81
N LYS B 182 -5.04 -14.39 2.42
CA LYS B 182 -6.44 -14.83 2.22
C LYS B 182 -7.24 -14.77 3.49
N GLU B 183 -8.54 -14.50 3.35
CA GLU B 183 -9.43 -14.41 4.51
CA GLU B 183 -9.53 -14.47 4.46
C GLU B 183 -9.29 -15.58 5.49
N ASP B 184 -9.31 -16.81 5.02
CA ASP B 184 -9.17 -17.92 5.99
C ASP B 184 -7.74 -18.14 6.59
N GLN B 185 -6.77 -17.31 6.20
CA GLN B 185 -5.38 -17.56 6.61
C GLN B 185 -4.81 -16.43 7.49
N ILE B 186 -5.66 -15.54 7.99
CA ILE B 186 -5.24 -14.41 8.83
C ILE B 186 -4.59 -14.82 10.15
N ASP B 187 -4.68 -16.09 10.53
CA ASP B 187 -4.00 -16.57 11.75
CA ASP B 187 -4.00 -16.54 11.76
C ASP B 187 -2.50 -16.44 11.58
N PHE B 188 -2.04 -16.52 10.33
CA PHE B 188 -0.59 -16.37 10.07
C PHE B 188 -0.11 -14.93 10.35
N LEU B 189 -1.01 -13.99 10.59
CA LEU B 189 -0.60 -12.63 10.93
C LEU B 189 -0.27 -12.43 12.41
N GLU B 190 -0.45 -13.46 13.22
CA GLU B 190 -0.29 -13.33 14.68
C GLU B 190 1.17 -13.45 15.13
N GLU B 191 1.65 -12.52 15.97
CA GLU B 191 3.03 -12.51 16.56
C GLU B 191 3.46 -13.89 17.10
N ARG B 192 2.61 -14.47 17.97
CA ARG B 192 2.78 -15.80 18.55
CA ARG B 192 2.88 -15.79 18.55
C ARG B 192 3.03 -16.89 17.49
N LYS B 193 2.22 -16.87 16.45
CA LYS B 193 2.27 -17.92 15.45
C LYS B 193 3.50 -17.80 14.57
N ILE B 194 3.81 -16.57 14.18
CA ILE B 194 4.98 -16.33 13.36
C ILE B 194 6.23 -16.84 14.11
N LYS B 195 6.43 -16.35 15.35
CA LYS B 195 7.63 -16.65 16.13
C LYS B 195 7.74 -18.16 16.23
N GLU B 196 6.60 -18.83 16.37
CA GLU B 196 6.66 -20.25 16.63
C GLU B 196 6.96 -20.99 15.36
N ILE B 197 6.46 -20.50 14.25
CA ILE B 197 6.81 -21.09 12.97
C ILE B 197 8.31 -20.90 12.69
N VAL B 198 8.84 -19.69 12.94
CA VAL B 198 10.29 -19.43 12.74
C VAL B 198 11.22 -20.23 13.68
N LYS B 199 10.82 -20.31 14.95
CA LYS B 199 11.61 -21.05 15.91
C LYS B 199 11.69 -22.54 15.56
N LYS B 200 10.62 -23.13 15.06
CA LYS B 200 10.65 -24.57 14.88
C LYS B 200 11.15 -24.97 13.54
N HIS B 201 10.82 -24.20 12.51
CA HIS B 201 11.08 -24.65 11.14
C HIS B 201 12.17 -23.89 10.42
N SER B 202 12.61 -22.75 10.94
CA SER B 202 13.76 -21.99 10.36
C SER B 202 14.94 -21.74 11.34
N GLN B 203 15.33 -22.81 12.01
CA GLN B 203 16.15 -22.79 13.24
C GLN B 203 17.58 -22.43 13.04
N PHE B 204 18.10 -22.72 11.85
CA PHE B 204 19.55 -22.61 11.68
C PHE B 204 19.92 -21.54 10.66
N ILE B 205 19.10 -20.49 10.54
CA ILE B 205 19.37 -19.46 9.53
C ILE B 205 20.46 -18.55 10.07
N GLY B 206 21.54 -18.37 9.30
CA GLY B 206 22.69 -17.62 9.74
C GLY B 206 22.56 -16.09 9.73
N TYR B 207 21.35 -15.53 9.79
CA TYR B 207 21.22 -14.06 9.77
C TYR B 207 20.19 -13.67 10.80
N PRO B 208 20.27 -12.44 11.33
CA PRO B 208 19.22 -12.01 12.27
C PRO B 208 17.86 -12.00 11.53
N ILE B 209 16.81 -12.47 12.19
CA ILE B 209 15.40 -12.37 11.69
C ILE B 209 14.62 -11.42 12.62
N LYS B 210 14.34 -10.22 12.17
CA LYS B 210 13.70 -9.21 13.02
C LYS B 210 12.18 -9.33 12.86
N LEU B 211 11.40 -9.29 13.92
CA LEU B 211 9.94 -9.29 13.78
C LEU B 211 9.40 -7.96 14.26
N VAL B 212 8.72 -7.23 13.40
CA VAL B 212 8.14 -5.94 13.74
C VAL B 212 6.63 -5.99 13.65
N VAL B 213 6.01 -5.73 14.79
CA VAL B 213 4.56 -5.70 14.92
C VAL B 213 3.98 -4.30 14.62
N GLU B 214 3.25 -4.19 13.51
CA GLU B 214 2.66 -2.92 13.09
C GLU B 214 1.17 -2.77 13.44
#